data_5GX4
#
_entry.id   5GX4
#
_cell.length_a   47.510
_cell.length_b   76.962
_cell.length_c   84.433
_cell.angle_alpha   90.000
_cell.angle_beta   90.000
_cell.angle_gamma   90.000
#
_symmetry.space_group_name_H-M   'P 21 21 21'
#
loop_
_entity.id
_entity.type
_entity.pdbx_description
1 polymer 'Luciferin regenerating enzyme'
2 non-polymer 'MERCURY (II) ION'
3 non-polymer 'MAGNESIUM ION'
4 non-polymer (4S)-2-METHYL-2,4-PENTANEDIOL
5 non-polymer GLYCEROL
6 water water
#
_entity_poly.entity_id   1
_entity_poly.type   'polypeptide(L)'
_entity_poly.pdbx_seq_one_letter_code
;GSHMGPVVEKIAELGKYTVGEGPHWDHETQTLYFVDTVEKTFHKYVPSQKKYTFCKVDKLVSFIIPLAGSPGRFVVSLER
EIAILTWDGVSAAPTSIEAIVNVEPHIKNNRLNDGKADPLGNLWTGTMAIDAGLPIGPVTGSLYHLGADKKVKMHESNIA
IANGLAWSNDLKKMYYIDSGKRRVDEYDYDASTLSISNQRPLFTFEKHEVPGYPDGQTIDEEGNLWVAVFQGQRIIKIST
QQPEVLLDTVKIPDPQVTSVAFGGPNLDELYVTSAGLQLDDSSFDKSLVNGHVYRVTGLGVKGFAGVKVKL
;
_entity_poly.pdbx_strand_id   A
#
loop_
_chem_comp.id
_chem_comp.type
_chem_comp.name
_chem_comp.formula
GOL non-polymer GLYCEROL 'C3 H8 O3'
HG non-polymer 'MERCURY (II) ION' 'Hg 2'
MG non-polymer 'MAGNESIUM ION' 'Mg 2'
MPD non-polymer (4S)-2-METHYL-2,4-PENTANEDIOL 'C6 H14 O2'
#
# COMPACT_ATOMS: atom_id res chain seq x y z
N GLY A 5 -2.79 23.71 11.56
CA GLY A 5 -3.00 22.37 11.05
C GLY A 5 -1.72 21.69 10.61
N PRO A 6 -1.80 20.41 10.26
CA PRO A 6 -0.59 19.67 9.86
C PRO A 6 0.09 20.37 8.69
N VAL A 7 1.41 20.18 8.60
CA VAL A 7 2.19 20.71 7.49
C VAL A 7 2.32 19.62 6.43
N VAL A 8 1.98 19.95 5.19
CA VAL A 8 2.08 19.05 4.06
C VAL A 8 3.14 19.59 3.13
N GLU A 9 4.23 18.85 2.97
CA GLU A 9 5.37 19.29 2.16
C GLU A 9 5.48 18.41 0.93
N LYS A 10 5.53 19.03 -0.25
CA LYS A 10 5.89 18.31 -1.46
C LYS A 10 7.38 18.00 -1.44
N ILE A 11 7.73 16.73 -1.70
CA ILE A 11 9.13 16.31 -1.70
C ILE A 11 9.64 16.58 -3.11
N ALA A 12 10.24 17.76 -3.29
CA ALA A 12 10.70 18.19 -4.61
C ALA A 12 11.71 17.21 -5.20
N GLU A 13 12.64 16.71 -4.38
CA GLU A 13 13.70 15.82 -4.85
C GLU A 13 13.18 14.57 -5.55
N LEU A 14 11.90 14.22 -5.37
CA LEU A 14 11.41 12.93 -5.85
C LEU A 14 10.68 13.00 -7.19
N GLY A 15 10.27 14.17 -7.66
CA GLY A 15 9.65 14.21 -8.97
C GLY A 15 8.22 13.69 -8.95
N LYS A 16 7.76 13.28 -10.13
CA LYS A 16 6.37 12.90 -10.35
C LYS A 16 6.28 11.46 -10.83
N TYR A 17 5.23 10.77 -10.35
CA TYR A 17 5.05 9.35 -10.63
C TYR A 17 3.70 9.10 -11.30
N THR A 18 3.69 8.15 -12.22
CA THR A 18 2.44 7.79 -12.91
C THR A 18 1.43 7.23 -11.93
N VAL A 19 1.82 6.19 -11.20
CA VAL A 19 1.06 5.73 -10.04
C VAL A 19 2.06 5.33 -8.96
N GLY A 20 2.56 6.30 -8.20
CA GLY A 20 3.39 5.98 -7.05
C GLY A 20 2.56 5.24 -6.00
N GLU A 21 3.17 4.25 -5.36
CA GLU A 21 2.43 3.27 -4.57
C GLU A 21 3.36 2.50 -3.65
N GLY A 22 2.75 1.72 -2.74
CA GLY A 22 3.47 0.77 -1.91
C GLY A 22 4.63 1.30 -1.08
N PRO A 23 4.46 2.43 -0.38
CA PRO A 23 5.56 2.94 0.44
C PRO A 23 5.87 2.01 1.61
N HIS A 24 7.16 1.81 1.84
CA HIS A 24 7.64 0.99 2.96
C HIS A 24 8.80 1.71 3.60
N TRP A 25 8.70 1.95 4.91
CA TRP A 25 9.75 2.64 5.65
C TRP A 25 10.61 1.62 6.38
N ASP A 26 11.89 1.53 6.01
CA ASP A 26 12.82 0.67 6.73
C ASP A 26 13.49 1.50 7.81
N HIS A 27 13.19 1.20 9.07
CA HIS A 27 13.57 2.12 10.13
C HIS A 27 15.06 2.05 10.45
N GLU A 28 15.68 0.86 10.32
CA GLU A 28 17.09 0.74 10.69
C GLU A 28 17.99 1.47 9.70
N THR A 29 17.63 1.53 8.43
CA THR A 29 18.41 2.29 7.47
C THR A 29 17.79 3.64 7.11
N GLN A 30 16.69 4.02 7.75
CA GLN A 30 16.02 5.31 7.55
C GLN A 30 15.78 5.56 6.06
N THR A 31 15.15 4.59 5.41
CA THR A 31 15.00 4.60 3.96
C THR A 31 13.57 4.28 3.59
N LEU A 32 13.02 5.02 2.63
CA LEU A 32 11.70 4.76 2.08
C LEU A 32 11.82 4.03 0.75
N TYR A 33 11.16 2.89 0.62
CA TYR A 33 11.05 2.21 -0.67
C TYR A 33 9.62 2.34 -1.18
N PHE A 34 9.46 2.38 -2.50
CA PHE A 34 8.11 2.42 -3.06
C PHE A 34 8.18 1.97 -4.51
N VAL A 35 7.00 1.91 -5.15
CA VAL A 35 6.90 1.38 -6.51
C VAL A 35 6.11 2.35 -7.36
N ASP A 36 6.18 2.15 -8.67
CA ASP A 36 5.21 2.70 -9.60
C ASP A 36 4.47 1.52 -10.22
N THR A 37 3.15 1.44 -10.02
CA THR A 37 2.43 0.23 -10.41
C THR A 37 2.15 0.16 -11.89
N VAL A 38 2.43 1.22 -12.65
CA VAL A 38 2.28 1.20 -14.09
C VAL A 38 3.61 1.20 -14.83
N GLU A 39 4.65 1.82 -14.27
CA GLU A 39 5.89 2.03 -15.02
C GLU A 39 6.92 0.92 -14.80
N LYS A 40 6.59 -0.11 -14.02
CA LYS A 40 7.46 -1.28 -13.83
C LYS A 40 8.80 -0.86 -13.20
N THR A 41 8.74 -0.04 -12.16
CA THR A 41 9.94 0.48 -11.51
C THR A 41 9.79 0.45 -9.99
N PHE A 42 10.92 0.21 -9.34
CA PHE A 42 11.06 0.32 -7.88
C PHE A 42 11.85 1.57 -7.55
N HIS A 43 11.63 2.12 -6.35
CA HIS A 43 12.20 3.41 -5.99
C HIS A 43 12.71 3.40 -4.55
N LYS A 44 13.77 4.16 -4.31
CA LYS A 44 14.38 4.27 -3.00
C LYS A 44 14.65 5.74 -2.70
N TYR A 45 14.28 6.18 -1.50
CA TYR A 45 14.55 7.54 -1.07
C TYR A 45 15.14 7.53 0.33
N VAL A 46 16.30 8.18 0.48
CA VAL A 46 16.93 8.34 1.79
C VAL A 46 16.81 9.80 2.18
N PRO A 47 15.82 10.17 3.00
CA PRO A 47 15.57 11.60 3.22
C PRO A 47 16.73 12.33 3.87
N SER A 48 17.44 11.70 4.80
CA SER A 48 18.51 12.43 5.51
C SER A 48 19.69 12.77 4.61
N GLN A 49 19.87 12.01 3.53
CA GLN A 49 20.96 12.27 2.59
C GLN A 49 20.48 12.79 1.26
N LYS A 50 19.17 13.02 1.11
CA LYS A 50 18.57 13.48 -0.14
C LYS A 50 19.03 12.61 -1.32
N LYS A 51 18.90 11.29 -1.14
CA LYS A 51 19.34 10.32 -2.14
C LYS A 51 18.13 9.61 -2.73
N TYR A 52 18.06 9.56 -4.06
CA TYR A 52 16.98 8.90 -4.79
C TYR A 52 17.56 7.95 -5.82
N THR A 53 17.04 6.72 -5.86
CA THR A 53 17.43 5.78 -6.90
C THR A 53 16.21 5.01 -7.39
N PHE A 54 16.38 4.29 -8.50
CA PHE A 54 15.30 3.51 -9.08
C PHE A 54 15.85 2.26 -9.74
N CYS A 55 14.94 1.31 -9.98
CA CYS A 55 15.27 -0.01 -10.54
C CYS A 55 14.18 -0.38 -11.54
N LYS A 56 14.57 -0.80 -12.74
CA LYS A 56 13.61 -1.12 -13.80
C LYS A 56 13.50 -2.64 -13.97
N VAL A 57 12.27 -3.13 -14.16
CA VAL A 57 12.00 -4.51 -14.56
C VAL A 57 11.02 -4.50 -15.73
N ASP A 58 10.67 -5.69 -16.24
CA ASP A 58 9.78 -5.77 -17.39
C ASP A 58 8.43 -6.40 -17.07
N LYS A 59 8.08 -6.50 -15.78
CA LYS A 59 6.77 -6.93 -15.35
C LYS A 59 6.15 -5.85 -14.48
N LEU A 60 4.82 -5.86 -14.40
CA LEU A 60 4.12 -4.94 -13.50
C LEU A 60 4.47 -5.24 -12.04
N VAL A 61 4.71 -4.19 -11.25
CA VAL A 61 5.09 -4.34 -9.86
C VAL A 61 4.08 -3.62 -8.97
N SER A 62 3.93 -4.11 -7.72
CA SER A 62 3.00 -3.43 -6.82
C SER A 62 3.45 -3.31 -5.37
N PHE A 63 4.50 -3.98 -4.93
CA PHE A 63 5.02 -3.78 -3.58
C PHE A 63 6.49 -4.16 -3.55
N ILE A 64 7.18 -3.65 -2.54
CA ILE A 64 8.60 -3.94 -2.30
C ILE A 64 8.83 -3.92 -0.79
N ILE A 65 9.26 -5.05 -0.24
CA ILE A 65 9.43 -5.20 1.21
C ILE A 65 10.74 -5.92 1.48
N PRO A 66 11.61 -5.38 2.34
CA PRO A 66 12.86 -6.07 2.67
C PRO A 66 12.62 -7.49 3.17
N LEU A 67 13.53 -8.38 2.78
CA LEU A 67 13.46 -9.77 3.21
C LEU A 67 14.14 -9.89 4.56
N ALA A 68 13.42 -10.39 5.55
CA ALA A 68 13.97 -10.51 6.90
C ALA A 68 15.26 -11.33 6.90
N GLY A 69 16.31 -10.78 7.50
CA GLY A 69 17.57 -11.47 7.65
C GLY A 69 18.48 -11.48 6.45
N SER A 70 18.13 -10.81 5.35
CA SER A 70 18.89 -10.87 4.11
C SER A 70 19.07 -9.47 3.56
N PRO A 71 20.06 -8.72 4.06
CA PRO A 71 20.33 -7.39 3.51
C PRO A 71 20.54 -7.44 2.01
N GLY A 72 20.00 -6.44 1.32
CA GLY A 72 20.13 -6.39 -0.12
C GLY A 72 19.15 -7.25 -0.89
N ARG A 73 18.15 -7.84 -0.23
CA ARG A 73 17.13 -8.64 -0.91
C ARG A 73 15.75 -8.19 -0.48
N PHE A 74 14.82 -8.21 -1.44
CA PHE A 74 13.47 -7.70 -1.25
C PHE A 74 12.46 -8.71 -1.77
N VAL A 75 11.30 -8.78 -1.12
CA VAL A 75 10.17 -9.52 -1.65
C VAL A 75 9.29 -8.54 -2.41
N VAL A 76 8.97 -8.90 -3.67
CA VAL A 76 8.27 -8.01 -4.59
C VAL A 76 7.22 -8.82 -5.34
N SER A 77 6.34 -8.09 -6.04
CA SER A 77 5.45 -8.67 -7.02
C SER A 77 5.98 -8.38 -8.42
N LEU A 78 5.89 -9.39 -9.29
CA LEU A 78 6.19 -9.26 -10.72
C LEU A 78 4.99 -9.88 -11.44
N GLU A 79 4.05 -9.04 -11.84
CA GLU A 79 2.77 -9.47 -12.41
C GLU A 79 2.02 -10.32 -11.39
N ARG A 80 1.97 -11.64 -11.57
CA ARG A 80 1.29 -12.51 -10.62
C ARG A 80 2.27 -13.34 -9.79
N GLU A 81 3.57 -13.08 -9.93
CA GLU A 81 4.58 -13.82 -9.19
C GLU A 81 5.05 -13.04 -7.98
N ILE A 82 5.15 -13.73 -6.85
CA ILE A 82 5.91 -13.22 -5.71
C ILE A 82 7.35 -13.68 -5.89
N ALA A 83 8.28 -12.74 -5.77
CA ALA A 83 9.67 -13.03 -6.10
C ALA A 83 10.59 -12.35 -5.12
N ILE A 84 11.83 -12.84 -5.07
CA ILE A 84 12.88 -12.17 -4.31
C ILE A 84 13.80 -11.47 -5.30
N LEU A 85 13.93 -10.16 -5.15
CA LEU A 85 14.83 -9.37 -5.97
C LEU A 85 16.09 -9.07 -5.17
N THR A 86 17.23 -9.37 -5.76
CA THR A 86 18.51 -8.96 -5.17
C THR A 86 18.90 -7.65 -5.81
N TRP A 87 18.93 -6.59 -5.02
CA TRP A 87 19.14 -5.23 -5.53
C TRP A 87 20.02 -4.46 -4.57
N ASP A 88 21.06 -3.81 -5.11
CA ASP A 88 21.97 -3.02 -4.29
C ASP A 88 21.42 -1.65 -3.92
N GLY A 89 20.20 -1.33 -4.33
CA GLY A 89 19.56 -0.08 -3.96
C GLY A 89 19.96 1.10 -4.79
N VAL A 90 20.73 0.90 -5.87
CA VAL A 90 21.23 2.05 -6.63
C VAL A 90 21.38 1.75 -8.12
N SER A 91 21.75 0.52 -8.48
CA SER A 91 21.83 0.17 -9.90
C SER A 91 20.43 0.16 -10.52
N ALA A 92 20.36 0.45 -11.81
CA ALA A 92 19.06 0.64 -12.46
C ALA A 92 18.37 -0.65 -12.85
N ALA A 93 18.90 -1.80 -12.45
CA ALA A 93 18.27 -3.09 -12.69
C ALA A 93 18.65 -4.02 -11.54
N PRO A 94 17.85 -5.06 -11.30
CA PRO A 94 18.21 -6.02 -10.24
C PRO A 94 19.45 -6.81 -10.61
N THR A 95 20.17 -7.25 -9.58
CA THR A 95 21.28 -8.18 -9.80
C THR A 95 20.76 -9.55 -10.21
N SER A 96 19.72 -10.03 -9.54
CA SER A 96 19.12 -11.32 -9.88
C SER A 96 17.70 -11.37 -9.33
N ILE A 97 16.92 -12.32 -9.85
CA ILE A 97 15.53 -12.50 -9.50
C ILE A 97 15.30 -13.97 -9.20
N GLU A 98 14.70 -14.26 -8.04
CA GLU A 98 14.37 -15.63 -7.64
C GLU A 98 12.85 -15.70 -7.46
N ALA A 99 12.18 -16.42 -8.35
CA ALA A 99 10.73 -16.56 -8.21
C ALA A 99 10.40 -17.46 -7.03
N ILE A 100 9.34 -17.10 -6.29
CA ILE A 100 8.89 -17.90 -5.16
C ILE A 100 7.65 -18.70 -5.52
N VAL A 101 6.60 -18.01 -5.98
CA VAL A 101 5.36 -18.69 -6.36
C VAL A 101 4.57 -17.77 -7.27
N ASN A 102 3.88 -18.36 -8.24
CA ASN A 102 2.86 -17.66 -9.01
C ASN A 102 1.51 -17.86 -8.35
N VAL A 103 0.88 -16.77 -7.93
CA VAL A 103 -0.35 -16.92 -7.12
C VAL A 103 -1.55 -17.31 -7.96
N GLU A 104 -1.54 -17.01 -9.27
CA GLU A 104 -2.68 -17.28 -10.15
C GLU A 104 -2.16 -17.63 -11.54
N PRO A 105 -1.57 -18.82 -11.69
CA PRO A 105 -0.88 -19.15 -12.95
C PRO A 105 -1.79 -19.17 -14.17
N HIS A 106 -3.07 -19.44 -13.98
CA HIS A 106 -3.97 -19.62 -15.10
C HIS A 106 -4.97 -18.48 -15.26
N ILE A 107 -4.77 -17.36 -14.57
CA ILE A 107 -5.60 -16.18 -14.81
C ILE A 107 -4.73 -15.14 -15.52
N LYS A 108 -4.75 -15.17 -16.85
CA LYS A 108 -3.70 -14.50 -17.62
C LYS A 108 -3.77 -12.97 -17.52
N ASN A 109 -4.95 -12.40 -17.25
CA ASN A 109 -5.08 -10.94 -17.21
C ASN A 109 -5.22 -10.40 -15.79
N ASN A 110 -4.82 -11.15 -14.78
CA ASN A 110 -4.78 -10.63 -13.42
C ASN A 110 -3.36 -10.17 -13.05
N ARG A 111 -3.29 -9.37 -11.99
CA ARG A 111 -2.02 -8.95 -11.43
C ARG A 111 -2.14 -8.88 -9.92
N LEU A 112 -0.99 -8.95 -9.25
CA LEU A 112 -0.96 -8.61 -7.83
C LEU A 112 -1.05 -7.09 -7.67
N ASN A 113 -1.64 -6.66 -6.55
CA ASN A 113 -1.70 -5.24 -6.21
C ASN A 113 -1.13 -5.07 -4.80
N ASP A 114 -1.85 -4.45 -3.88
CA ASP A 114 -1.19 -4.05 -2.63
C ASP A 114 -0.77 -5.28 -1.81
N GLY A 115 0.37 -5.16 -1.15
CA GLY A 115 0.88 -6.22 -0.29
C GLY A 115 1.61 -5.60 0.89
N LYS A 116 1.59 -6.32 2.01
CA LYS A 116 2.19 -5.85 3.25
C LYS A 116 2.37 -7.06 4.16
N ALA A 117 3.42 -7.04 4.98
CA ALA A 117 3.58 -8.07 6.00
C ALA A 117 2.76 -7.74 7.25
N ASP A 118 2.11 -8.75 7.83
CA ASP A 118 1.47 -8.58 9.11
C ASP A 118 2.56 -8.43 10.18
N PRO A 119 2.20 -8.14 11.43
CA PRO A 119 3.24 -7.90 12.45
C PRO A 119 4.12 -9.13 12.72
N LEU A 120 3.70 -10.31 12.29
CA LEU A 120 4.49 -11.53 12.47
C LEU A 120 5.42 -11.80 11.29
N GLY A 121 5.38 -10.97 10.26
CA GLY A 121 6.24 -11.18 9.10
C GLY A 121 5.63 -11.96 7.96
N ASN A 122 4.34 -12.31 8.05
CA ASN A 122 3.69 -13.04 6.96
C ASN A 122 3.23 -12.07 5.89
N LEU A 123 3.60 -12.32 4.64
CA LEU A 123 3.15 -11.48 3.54
C LEU A 123 1.69 -11.73 3.20
N TRP A 124 0.90 -10.66 3.19
CA TRP A 124 -0.46 -10.67 2.68
C TRP A 124 -0.54 -9.80 1.44
N THR A 125 -1.26 -10.28 0.42
CA THR A 125 -1.39 -9.50 -0.80
C THR A 125 -2.62 -9.97 -1.58
N GLY A 126 -3.16 -9.08 -2.41
CA GLY A 126 -4.34 -9.38 -3.17
C GLY A 126 -4.12 -9.14 -4.65
N THR A 127 -5.00 -9.73 -5.45
CA THR A 127 -4.96 -9.60 -6.91
C THR A 127 -6.15 -8.81 -7.41
N MET A 128 -6.12 -8.54 -8.72
CA MET A 128 -7.16 -7.78 -9.41
C MET A 128 -6.95 -7.96 -10.91
N ALA A 129 -7.99 -7.67 -11.67
CA ALA A 129 -7.85 -7.63 -13.13
C ALA A 129 -6.93 -6.48 -13.52
N ILE A 130 -6.09 -6.69 -14.52
CA ILE A 130 -5.26 -5.60 -15.02
C ILE A 130 -6.13 -4.49 -15.58
N ASP A 131 -7.30 -4.84 -16.12
CA ASP A 131 -8.25 -3.88 -16.67
C ASP A 131 -9.43 -3.65 -15.73
N ALA A 132 -9.16 -3.66 -14.42
CA ALA A 132 -10.19 -3.30 -13.45
C ALA A 132 -10.58 -1.85 -13.64
N GLY A 133 -11.80 -1.52 -13.23
CA GLY A 133 -12.32 -0.18 -13.43
C GLY A 133 -13.29 0.22 -12.33
N LEU A 134 -13.36 1.52 -12.08
CA LEU A 134 -14.25 2.07 -11.07
C LEU A 134 -15.19 3.07 -11.73
N PRO A 135 -16.44 3.15 -11.26
CA PRO A 135 -17.01 2.38 -10.15
C PRO A 135 -17.29 0.91 -10.47
N ILE A 136 -17.39 0.57 -11.76
CA ILE A 136 -17.76 -0.78 -12.18
C ILE A 136 -16.76 -1.28 -13.22
N GLY A 137 -16.30 -2.52 -13.04
CA GLY A 137 -15.39 -3.17 -13.95
C GLY A 137 -15.30 -4.65 -13.59
N PRO A 138 -14.42 -5.40 -14.25
CA PRO A 138 -14.30 -6.83 -13.96
C PRO A 138 -13.79 -7.07 -12.54
N VAL A 139 -14.46 -7.98 -11.82
CA VAL A 139 -14.14 -8.28 -10.43
C VAL A 139 -13.57 -9.69 -10.42
N THR A 140 -12.24 -9.80 -10.33
CA THR A 140 -11.58 -11.09 -10.50
C THR A 140 -10.51 -11.36 -9.46
N GLY A 141 -10.39 -10.52 -8.42
CA GLY A 141 -9.30 -10.62 -7.47
C GLY A 141 -9.64 -11.42 -6.23
N SER A 142 -8.58 -11.78 -5.50
CA SER A 142 -8.67 -12.53 -4.26
C SER A 142 -7.59 -12.03 -3.31
N LEU A 143 -7.77 -12.32 -2.03
CA LEU A 143 -6.80 -11.97 -0.98
C LEU A 143 -6.07 -13.22 -0.52
N TYR A 144 -4.74 -13.15 -0.45
CA TYR A 144 -3.88 -14.28 -0.12
C TYR A 144 -2.94 -13.94 1.03
N HIS A 145 -2.41 -14.96 1.71
CA HIS A 145 -1.17 -14.78 2.44
C HIS A 145 -0.19 -15.87 2.04
N LEU A 146 1.09 -15.57 2.17
CA LEU A 146 2.15 -16.51 1.80
C LEU A 146 2.58 -17.26 3.05
N GLY A 147 2.32 -18.55 3.05
CA GLY A 147 2.52 -19.35 4.24
C GLY A 147 3.70 -20.28 4.16
N ALA A 148 3.58 -21.42 4.83
CA ALA A 148 4.67 -22.37 4.97
C ALA A 148 5.00 -23.02 3.63
N ASP A 149 6.26 -23.35 3.44
CA ASP A 149 6.71 -24.05 2.23
C ASP A 149 6.34 -23.25 0.98
N LYS A 150 6.23 -21.93 1.12
CA LYS A 150 6.09 -21.01 -0.01
C LYS A 150 4.80 -21.27 -0.79
N LYS A 151 3.74 -21.64 -0.09
CA LYS A 151 2.42 -21.84 -0.67
C LYS A 151 1.47 -20.76 -0.17
N VAL A 152 0.60 -20.27 -1.04
CA VAL A 152 -0.33 -19.24 -0.58
C VAL A 152 -1.64 -19.88 -0.16
N LYS A 153 -2.33 -19.18 0.72
CA LYS A 153 -3.67 -19.54 1.17
C LYS A 153 -4.59 -18.40 0.79
N MET A 154 -5.81 -18.72 0.41
CA MET A 154 -6.78 -17.72 -0.02
C MET A 154 -7.76 -17.44 1.12
N HIS A 155 -8.06 -16.14 1.34
CA HIS A 155 -8.89 -15.70 2.44
C HIS A 155 -10.16 -14.97 2.02
N GLU A 156 -10.20 -14.41 0.82
CA GLU A 156 -11.39 -13.70 0.38
C GLU A 156 -11.37 -13.68 -1.13
N SER A 157 -12.55 -13.72 -1.74
CA SER A 157 -12.65 -13.61 -3.20
C SER A 157 -13.59 -12.45 -3.54
N ASN A 158 -13.92 -12.32 -4.83
CA ASN A 158 -14.79 -11.25 -5.35
C ASN A 158 -14.25 -9.86 -4.98
N ILE A 159 -12.95 -9.68 -5.14
CA ILE A 159 -12.31 -8.40 -4.87
C ILE A 159 -12.09 -7.69 -6.19
N ALA A 160 -12.55 -6.44 -6.29
CA ALA A 160 -12.37 -5.67 -7.52
C ALA A 160 -10.97 -5.09 -7.61
N ILE A 161 -10.58 -4.29 -6.61
CA ILE A 161 -9.25 -3.68 -6.60
C ILE A 161 -8.66 -3.93 -5.22
N ALA A 162 -7.78 -4.92 -5.13
CA ALA A 162 -7.16 -5.31 -3.86
C ALA A 162 -6.23 -4.21 -3.34
N ASN A 163 -6.52 -3.67 -2.16
CA ASN A 163 -5.73 -2.53 -1.73
C ASN A 163 -5.31 -2.59 -0.27
N GLY A 164 -5.37 -1.48 0.47
CA GLY A 164 -4.57 -1.37 1.69
C GLY A 164 -4.93 -2.34 2.80
N LEU A 165 -3.90 -2.69 3.60
CA LEU A 165 -3.98 -3.68 4.67
C LEU A 165 -3.40 -3.10 5.96
N ALA A 166 -3.94 -3.52 7.11
CA ALA A 166 -3.36 -3.15 8.41
C ALA A 166 -3.86 -4.13 9.46
N TRP A 167 -3.12 -4.19 10.57
CA TRP A 167 -3.46 -5.09 11.68
C TRP A 167 -3.42 -4.34 13.01
N SER A 168 -4.31 -4.72 13.93
CA SER A 168 -4.34 -4.06 15.22
C SER A 168 -3.11 -4.45 16.05
N ASN A 169 -2.80 -3.61 17.03
CA ASN A 169 -1.60 -3.85 17.84
C ASN A 169 -1.73 -5.14 18.66
N ASP A 170 -2.93 -5.45 19.12
CA ASP A 170 -3.11 -6.68 19.88
C ASP A 170 -3.27 -7.93 19.00
N LEU A 171 -3.09 -7.80 17.68
CA LEU A 171 -3.19 -8.90 16.72
C LEU A 171 -4.55 -9.59 16.71
N LYS A 172 -5.62 -8.91 17.12
CA LYS A 172 -6.94 -9.51 17.07
C LYS A 172 -7.76 -9.07 15.87
N LYS A 173 -7.35 -8.02 15.17
CA LYS A 173 -8.12 -7.48 14.05
C LYS A 173 -7.23 -7.28 12.85
N MET A 174 -7.81 -7.50 11.67
CA MET A 174 -7.23 -7.08 10.41
C MET A 174 -8.19 -6.13 9.71
N TYR A 175 -7.63 -5.14 9.00
CA TYR A 175 -8.40 -4.15 8.27
C TYR A 175 -8.03 -4.25 6.80
N TYR A 176 -9.02 -4.14 5.91
CA TYR A 176 -8.74 -4.40 4.50
C TYR A 176 -9.63 -3.55 3.61
N ILE A 177 -9.06 -3.14 2.47
CA ILE A 177 -9.75 -2.27 1.52
C ILE A 177 -9.82 -2.94 0.16
N ASP A 178 -11.05 -3.15 -0.33
CA ASP A 178 -11.32 -3.33 -1.75
C ASP A 178 -11.85 -1.99 -2.22
N SER A 179 -11.11 -1.31 -3.12
CA SER A 179 -11.48 0.06 -3.45
C SER A 179 -12.89 0.15 -4.03
N GLY A 180 -13.30 -0.89 -4.77
CA GLY A 180 -14.61 -0.89 -5.39
C GLY A 180 -15.76 -0.88 -4.40
N LYS A 181 -15.53 -1.31 -3.15
CA LYS A 181 -16.59 -1.30 -2.14
C LYS A 181 -16.73 0.05 -1.46
N ARG A 182 -15.80 0.98 -1.66
CA ARG A 182 -15.85 2.33 -1.06
C ARG A 182 -16.06 2.26 0.45
N ARG A 183 -15.33 1.35 1.09
CA ARG A 183 -15.41 1.20 2.53
C ARG A 183 -14.16 0.48 3.02
N VAL A 184 -13.93 0.56 4.32
CA VAL A 184 -12.89 -0.20 5.00
C VAL A 184 -13.59 -1.29 5.80
N ASP A 185 -13.13 -2.54 5.65
CA ASP A 185 -13.70 -3.67 6.39
C ASP A 185 -12.77 -4.05 7.54
N GLU A 186 -13.37 -4.58 8.61
CA GLU A 186 -12.62 -5.16 9.71
C GLU A 186 -12.95 -6.64 9.85
N TYR A 187 -11.97 -7.41 10.29
CA TYR A 187 -12.08 -8.85 10.44
C TYR A 187 -11.50 -9.26 11.76
N ASP A 188 -12.04 -10.33 12.34
CA ASP A 188 -11.33 -10.99 13.43
C ASP A 188 -10.15 -11.76 12.85
N TYR A 189 -8.96 -11.54 13.39
CA TYR A 189 -7.73 -12.13 12.90
C TYR A 189 -7.21 -13.11 13.94
N ASP A 190 -7.01 -14.36 13.53
CA ASP A 190 -6.48 -15.40 14.41
C ASP A 190 -5.00 -15.55 14.06
N ALA A 191 -4.15 -14.95 14.90
CA ALA A 191 -2.72 -14.96 14.66
C ALA A 191 -2.13 -16.37 14.73
N SER A 192 -2.78 -17.30 15.43
CA SER A 192 -2.22 -18.65 15.51
C SER A 192 -2.55 -19.48 14.29
N THR A 193 -3.71 -19.29 13.67
CA THR A 193 -4.06 -20.04 12.47
C THR A 193 -3.93 -19.22 11.19
N LEU A 194 -3.62 -17.93 11.30
CA LEU A 194 -3.60 -17.01 10.15
C LEU A 194 -4.86 -17.18 9.31
N SER A 195 -6.01 -16.98 9.96
CA SER A 195 -7.30 -16.99 9.30
C SER A 195 -8.10 -15.78 9.77
N ILE A 196 -8.98 -15.30 8.91
CA ILE A 196 -9.81 -14.14 9.21
C ILE A 196 -11.27 -14.52 9.09
N SER A 197 -12.09 -13.91 9.95
CA SER A 197 -13.51 -14.22 9.98
C SER A 197 -14.28 -12.99 10.45
N ASN A 198 -15.62 -13.12 10.42
CA ASN A 198 -16.54 -12.08 10.91
C ASN A 198 -16.32 -10.75 10.19
N GLN A 199 -16.22 -10.81 8.87
CA GLN A 199 -16.06 -9.60 8.06
C GLN A 199 -17.23 -8.65 8.29
N ARG A 200 -16.94 -7.38 8.55
CA ARG A 200 -17.99 -6.38 8.67
C ARG A 200 -17.45 -5.01 8.32
N PRO A 201 -18.30 -4.10 7.83
CA PRO A 201 -17.83 -2.74 7.52
C PRO A 201 -17.41 -1.99 8.79
N LEU A 202 -16.24 -1.34 8.71
CA LEU A 202 -15.78 -0.43 9.75
C LEU A 202 -16.15 1.01 9.42
N PHE A 203 -15.92 1.41 8.18
CA PHE A 203 -16.11 2.80 7.78
C PHE A 203 -16.56 2.82 6.33
N THR A 204 -17.72 3.44 6.08
CA THR A 204 -18.35 3.45 4.78
C THR A 204 -18.36 4.88 4.24
N PHE A 205 -17.74 5.08 3.07
CA PHE A 205 -17.52 6.44 2.55
C PHE A 205 -18.83 7.19 2.37
N GLU A 206 -19.87 6.52 1.85
CA GLU A 206 -21.10 7.24 1.54
C GLU A 206 -21.79 7.74 2.81
N LYS A 207 -21.58 7.07 3.95
CA LYS A 207 -22.21 7.52 5.18
C LYS A 207 -21.63 8.83 5.71
N HIS A 208 -20.46 9.23 5.22
CA HIS A 208 -19.77 10.42 5.73
C HIS A 208 -19.46 11.43 4.64
N GLU A 209 -20.04 11.29 3.46
CA GLU A 209 -19.84 12.24 2.36
C GLU A 209 -18.36 12.36 2.01
N VAL A 210 -17.63 11.26 2.03
CA VAL A 210 -16.23 11.23 1.63
C VAL A 210 -16.19 10.88 0.14
N PRO A 211 -15.60 11.70 -0.71
CA PRO A 211 -15.56 11.41 -2.15
C PRO A 211 -14.48 10.38 -2.45
N GLY A 212 -14.46 9.92 -3.70
CA GLY A 212 -13.32 9.12 -4.09
C GLY A 212 -13.40 7.69 -3.60
N TYR A 213 -12.24 7.05 -3.54
CA TYR A 213 -12.14 5.62 -3.23
C TYR A 213 -11.03 5.38 -2.23
N PRO A 214 -11.24 4.53 -1.24
CA PRO A 214 -10.13 4.17 -0.35
C PRO A 214 -9.08 3.37 -1.13
N ASP A 215 -7.81 3.63 -0.84
CA ASP A 215 -6.72 3.00 -1.56
C ASP A 215 -5.80 2.34 -0.54
N GLY A 216 -4.60 2.90 -0.29
CA GLY A 216 -3.74 2.33 0.76
C GLY A 216 -4.16 2.78 2.16
N GLN A 217 -3.68 2.07 3.18
CA GLN A 217 -3.91 2.50 4.55
C GLN A 217 -2.79 2.05 5.45
N THR A 218 -2.68 2.73 6.61
CA THR A 218 -1.75 2.31 7.64
C THR A 218 -2.34 2.69 8.99
N ILE A 219 -1.83 2.07 10.06
CA ILE A 219 -2.40 2.26 11.38
C ILE A 219 -1.36 2.92 12.27
N ASP A 220 -1.81 3.75 13.22
CA ASP A 220 -0.85 4.41 14.10
C ASP A 220 -0.82 3.70 15.46
N GLU A 221 0.06 4.19 16.34
CA GLU A 221 0.24 3.55 17.65
C GLU A 221 -1.03 3.62 18.50
N GLU A 222 -1.87 4.61 18.28
CA GLU A 222 -3.12 4.71 19.03
C GLU A 222 -4.21 3.81 18.48
N GLY A 223 -3.97 3.17 17.32
CA GLY A 223 -4.98 2.36 16.70
C GLY A 223 -5.85 3.07 15.68
N ASN A 224 -5.58 4.33 15.37
CA ASN A 224 -6.31 5.00 14.31
C ASN A 224 -5.80 4.54 12.95
N LEU A 225 -6.70 4.43 11.98
CA LEU A 225 -6.31 4.14 10.61
C LEU A 225 -6.16 5.43 9.82
N TRP A 226 -5.11 5.50 9.01
CA TRP A 226 -4.90 6.59 8.08
C TRP A 226 -5.11 6.03 6.68
N VAL A 227 -6.06 6.60 5.93
CA VAL A 227 -6.51 6.01 4.68
C VAL A 227 -6.29 7.01 3.55
N ALA A 228 -5.63 6.58 2.49
CA ALA A 228 -5.47 7.39 1.30
C ALA A 228 -6.76 7.41 0.49
N VAL A 229 -7.16 8.58 0.01
CA VAL A 229 -8.42 8.70 -0.72
C VAL A 229 -8.11 9.06 -2.17
N PHE A 230 -8.21 8.06 -3.05
CA PHE A 230 -7.95 8.26 -4.47
C PHE A 230 -9.12 9.02 -5.09
N GLN A 231 -8.83 10.12 -5.77
CA GLN A 231 -9.84 11.05 -6.30
C GLN A 231 -10.60 11.73 -5.17
N GLY A 232 -9.93 11.88 -4.03
CA GLY A 232 -10.47 12.61 -2.90
C GLY A 232 -9.57 13.74 -2.47
N GLN A 233 -8.33 13.79 -2.97
CA GLN A 233 -7.41 14.88 -2.62
C GLN A 233 -7.18 14.95 -1.11
N ARG A 234 -7.12 13.79 -0.45
CA ARG A 234 -7.05 13.81 1.00
C ARG A 234 -6.56 12.48 1.55
N ILE A 235 -6.11 12.54 2.81
CA ILE A 235 -6.04 11.37 3.67
C ILE A 235 -7.06 11.58 4.78
N ILE A 236 -7.65 10.48 5.26
CA ILE A 236 -8.61 10.56 6.35
C ILE A 236 -8.11 9.70 7.50
N LYS A 237 -8.47 10.11 8.72
CA LYS A 237 -8.14 9.41 9.96
C LYS A 237 -9.44 8.85 10.51
N ILE A 238 -9.51 7.53 10.70
CA ILE A 238 -10.76 6.92 11.13
C ILE A 238 -10.53 6.07 12.38
N SER A 239 -11.59 5.92 13.17
CA SER A 239 -11.49 5.15 14.40
C SER A 239 -11.51 3.65 14.12
N THR A 240 -10.78 2.89 14.94
CA THR A 240 -10.97 1.46 15.03
C THR A 240 -11.65 1.05 16.32
N GLN A 241 -11.91 1.99 17.24
CA GLN A 241 -12.62 1.68 18.47
C GLN A 241 -14.13 1.65 18.30
N GLN A 242 -14.66 2.43 17.37
CA GLN A 242 -16.09 2.54 17.11
C GLN A 242 -16.27 2.54 15.60
N PRO A 243 -17.29 1.85 15.09
CA PRO A 243 -17.56 1.90 13.65
C PRO A 243 -18.05 3.27 13.23
N GLU A 244 -17.73 3.61 11.98
CA GLU A 244 -18.27 4.78 11.29
C GLU A 244 -17.97 6.07 12.03
N VAL A 245 -16.70 6.29 12.37
CA VAL A 245 -16.25 7.51 13.03
C VAL A 245 -15.10 8.12 12.22
N LEU A 246 -15.36 9.27 11.61
CA LEU A 246 -14.33 10.05 10.94
C LEU A 246 -13.69 10.98 11.97
N LEU A 247 -12.40 10.81 12.23
CA LEU A 247 -11.70 11.59 13.23
C LEU A 247 -11.09 12.86 12.64
N ASP A 248 -10.51 12.79 11.44
CA ASP A 248 -9.92 14.00 10.88
C ASP A 248 -9.72 13.81 9.37
N THR A 249 -9.47 14.92 8.69
CA THR A 249 -9.21 14.97 7.26
C THR A 249 -8.00 15.86 7.03
N VAL A 250 -7.02 15.39 6.25
CA VAL A 250 -5.90 16.22 5.83
C VAL A 250 -5.90 16.30 4.30
N LYS A 251 -6.01 17.51 3.78
CA LYS A 251 -5.98 17.73 2.34
C LYS A 251 -4.57 17.57 1.80
N ILE A 252 -4.44 16.86 0.69
CA ILE A 252 -3.19 16.67 -0.03
C ILE A 252 -3.35 17.33 -1.39
N PRO A 253 -2.40 18.14 -1.87
CA PRO A 253 -2.63 18.86 -3.15
C PRO A 253 -2.97 17.94 -4.32
N ASP A 254 -2.34 16.78 -4.42
CA ASP A 254 -2.62 15.87 -5.53
C ASP A 254 -3.96 15.17 -5.30
N PRO A 255 -4.86 15.18 -6.29
CA PRO A 255 -6.17 14.51 -6.09
C PRO A 255 -6.10 13.01 -5.92
N GLN A 256 -5.17 12.35 -6.60
CA GLN A 256 -5.16 10.89 -6.65
C GLN A 256 -4.16 10.34 -5.64
N VAL A 257 -4.54 10.50 -4.36
CA VAL A 257 -3.72 9.97 -3.27
C VAL A 257 -3.82 8.46 -3.25
N THR A 258 -2.68 7.76 -3.19
CA THR A 258 -2.66 6.31 -3.35
C THR A 258 -2.28 5.55 -2.09
N SER A 259 -1.30 6.00 -1.30
CA SER A 259 -0.95 5.22 -0.11
C SER A 259 -0.21 6.10 0.88
N VAL A 260 0.10 5.50 2.03
CA VAL A 260 0.60 6.19 3.23
C VAL A 260 1.53 5.23 3.97
N ALA A 261 2.59 5.79 4.56
CA ALA A 261 3.45 5.03 5.47
C ALA A 261 4.11 6.01 6.43
N PHE A 262 4.12 5.67 7.73
CA PHE A 262 4.82 6.48 8.71
C PHE A 262 6.32 6.26 8.61
N GLY A 263 7.07 7.34 8.76
CA GLY A 263 8.51 7.29 8.68
C GLY A 263 9.16 8.41 9.46
N GLY A 264 10.43 8.66 9.14
CA GLY A 264 11.24 9.61 9.87
C GLY A 264 11.88 8.95 11.08
N PRO A 265 12.86 9.64 11.69
CA PRO A 265 13.56 9.07 12.84
C PRO A 265 12.64 8.71 14.00
N ASN A 266 11.55 9.44 14.19
CA ASN A 266 10.63 9.19 15.29
C ASN A 266 9.29 8.63 14.83
N LEU A 267 9.23 8.12 13.59
CA LEU A 267 8.03 7.45 13.06
C LEU A 267 6.79 8.33 13.12
N ASP A 268 6.97 9.66 13.07
CA ASP A 268 5.86 10.60 13.19
C ASP A 268 5.74 11.51 11.97
N GLU A 269 6.35 11.14 10.85
CA GLU A 269 6.20 11.85 9.59
C GLU A 269 5.50 10.89 8.63
N LEU A 270 4.39 11.33 8.05
CA LEU A 270 3.58 10.46 7.22
C LEU A 270 3.95 10.71 5.77
N TYR A 271 4.52 9.70 5.10
CA TYR A 271 4.81 9.79 3.68
C TYR A 271 3.58 9.38 2.88
N VAL A 272 3.29 10.14 1.82
CA VAL A 272 2.05 9.99 1.06
C VAL A 272 2.43 9.93 -0.41
N THR A 273 2.05 8.86 -1.09
CA THR A 273 2.25 8.73 -2.53
C THR A 273 0.97 9.13 -3.26
N SER A 274 1.12 9.44 -4.55
CA SER A 274 -0.01 9.82 -5.38
C SER A 274 0.25 9.44 -6.83
N ALA A 275 -0.77 9.61 -7.66
CA ALA A 275 -0.73 9.18 -9.06
C ALA A 275 -0.94 10.36 -10.00
N GLY A 276 -0.05 10.52 -10.97
CA GLY A 276 -0.19 11.51 -12.01
C GLY A 276 -0.93 11.03 -13.24
N LEU A 277 -1.31 9.76 -13.26
CA LEU A 277 -2.01 9.18 -14.40
C LEU A 277 -3.35 9.89 -14.59
N GLN A 278 -3.58 10.42 -15.79
CA GLN A 278 -4.79 11.17 -16.08
C GLN A 278 -5.84 10.25 -16.66
N LEU A 279 -6.97 10.12 -15.97
CA LEU A 279 -8.00 9.17 -16.32
C LEU A 279 -9.17 9.86 -16.99
N ASP A 280 -9.91 9.12 -17.81
CA ASP A 280 -10.89 9.77 -18.66
C ASP A 280 -12.15 10.19 -17.91
N ASP A 281 -12.41 9.64 -16.72
CA ASP A 281 -13.63 9.93 -15.94
C ASP A 281 -13.32 10.66 -14.63
N SER A 282 -12.29 11.49 -14.64
CA SER A 282 -11.80 12.12 -13.42
C SER A 282 -12.73 13.24 -12.96
N SER A 283 -12.78 13.45 -11.64
CA SER A 283 -13.46 14.60 -11.05
C SER A 283 -12.54 15.83 -10.97
N PHE A 284 -11.32 15.72 -11.48
CA PHE A 284 -10.32 16.77 -11.39
C PHE A 284 -9.68 16.97 -12.77
N ASP A 285 -9.56 18.24 -13.18
CA ASP A 285 -8.92 18.55 -14.45
C ASP A 285 -7.47 18.09 -14.46
N LYS A 286 -6.94 17.91 -15.68
CA LYS A 286 -5.59 17.36 -15.86
C LYS A 286 -4.50 18.23 -15.23
N SER A 287 -4.70 19.56 -15.20
CA SER A 287 -3.69 20.44 -14.61
C SER A 287 -3.44 20.14 -13.14
N LEU A 288 -4.39 19.50 -12.45
CA LEU A 288 -4.28 19.23 -11.03
C LEU A 288 -3.60 17.91 -10.70
N VAL A 289 -3.46 17.03 -11.68
CA VAL A 289 -3.10 15.64 -11.43
C VAL A 289 -1.63 15.47 -11.80
N ASN A 290 -0.77 15.37 -10.79
CA ASN A 290 0.67 15.44 -11.01
C ASN A 290 1.42 14.19 -10.57
N GLY A 291 1.11 13.64 -9.39
CA GLY A 291 1.81 12.45 -8.93
C GLY A 291 3.00 12.68 -8.03
N HIS A 292 3.01 13.76 -7.24
CA HIS A 292 4.11 14.02 -6.33
C HIS A 292 4.05 13.11 -5.09
N VAL A 293 5.17 13.04 -4.38
CA VAL A 293 5.24 12.41 -3.07
C VAL A 293 5.24 13.53 -2.03
N TYR A 294 4.53 13.31 -0.93
CA TYR A 294 4.37 14.32 0.11
C TYR A 294 4.81 13.76 1.47
N ARG A 295 5.10 14.67 2.39
CA ARG A 295 5.42 14.35 3.77
C ARG A 295 4.55 15.20 4.67
N VAL A 296 3.84 14.57 5.60
CA VAL A 296 2.93 15.25 6.50
C VAL A 296 3.52 15.20 7.90
N THR A 297 3.70 16.36 8.52
CA THR A 297 4.18 16.45 9.89
C THR A 297 3.15 17.17 10.74
N GLY A 298 3.28 17.01 12.05
CA GLY A 298 2.35 17.67 12.95
C GLY A 298 1.04 16.96 13.17
N LEU A 299 0.96 15.66 12.88
CA LEU A 299 -0.27 14.93 13.13
C LEU A 299 -0.45 14.55 14.59
N GLY A 300 0.59 14.64 15.41
CA GLY A 300 0.45 14.34 16.81
C GLY A 300 0.39 12.87 17.15
N VAL A 301 0.71 11.97 16.21
CA VAL A 301 0.72 10.53 16.42
C VAL A 301 2.02 9.96 15.89
N LYS A 302 2.33 8.75 16.34
CA LYS A 302 3.44 7.94 15.83
C LYS A 302 2.88 6.66 15.22
N GLY A 303 3.57 6.14 14.21
CA GLY A 303 3.27 4.86 13.65
C GLY A 303 4.31 3.82 14.01
N PHE A 304 4.36 2.76 13.21
CA PHE A 304 5.28 1.66 13.39
C PHE A 304 6.22 1.53 12.20
N ALA A 305 7.43 1.05 12.45
CA ALA A 305 8.36 0.72 11.37
C ALA A 305 7.75 -0.35 10.47
N GLY A 306 8.10 -0.29 9.18
CA GLY A 306 7.61 -1.30 8.25
C GLY A 306 8.19 -2.66 8.59
N VAL A 307 7.34 -3.69 8.50
CA VAL A 307 7.71 -5.06 8.89
C VAL A 307 8.29 -5.80 7.70
N LYS A 308 9.40 -6.53 7.93
CA LYS A 308 10.04 -7.31 6.88
C LYS A 308 9.33 -8.64 6.69
N VAL A 309 9.41 -9.18 5.47
CA VAL A 309 8.78 -10.46 5.18
C VAL A 309 9.68 -11.58 5.65
N LYS A 310 9.12 -12.52 6.40
CA LYS A 310 9.80 -13.76 6.76
C LYS A 310 9.44 -14.86 5.77
N LEU A 311 10.45 -15.49 5.21
CA LEU A 311 10.28 -16.68 4.39
C LEU A 311 10.95 -17.88 5.06
HG HG B . 14.74 -3.61 -7.35
HG HG C . 13.83 -4.29 -5.89
MG MG D . -3.20 0.83 -3.97
C1 MPD E . -14.38 17.33 -7.08
C2 MPD E . -14.65 16.93 -5.65
O2 MPD E . -14.53 15.48 -5.57
CM MPD E . -13.60 17.57 -4.74
C3 MPD E . -16.03 17.41 -5.19
C4 MPD E . -16.78 16.51 -4.22
O4 MPD E . -16.10 16.47 -2.99
C5 MPD E . -18.17 17.09 -3.95
C1 MPD F . -6.19 1.49 -9.97
C2 MPD F . -5.45 2.67 -9.34
O2 MPD F . -4.28 2.14 -8.65
CM MPD F . -4.96 3.62 -10.42
C3 MPD F . -6.32 3.43 -8.34
C4 MPD F . -7.04 2.52 -7.34
O4 MPD F . -6.11 1.94 -6.45
C5 MPD F . -8.09 3.25 -6.51
C1 GOL G . 17.03 -3.65 3.73
O1 GOL G . 17.95 -2.78 4.36
C2 GOL G . 17.42 -3.81 2.26
O2 GOL G . 18.81 -4.01 2.09
C3 GOL G . 16.69 -5.04 1.73
O3 GOL G . 17.00 -6.14 2.52
#